data_5XGD
#
_entry.id   5XGD
#
_cell.length_a   134.729
_cell.length_b   134.729
_cell.length_c   209.953
_cell.angle_alpha   90.00
_cell.angle_beta   90.00
_cell.angle_gamma   120.00
#
_symmetry.space_group_name_H-M   'H 3 2'
#
loop_
_entity.id
_entity.type
_entity.pdbx_description
1 polymer 'Uncharacterized protein PA0861'
2 non-polymer "GUANOSINE-5'-TRIPHOSPHATE"
3 non-polymer 'MAGNESIUM ION'
4 water water
#
_entity_poly.entity_id   1
_entity_poly.type   'polypeptide(L)'
_entity_poly.pdbx_seq_one_letter_code
;RQEVENALDAERERAQITLASIGDGVITADTQGGISYLNPAAEQMTNWTLDKARGLPLASLFRIVDESSREEGMLLIEQI
LSGEIDGGREHSKLVLRHDGSSVPVTLVGAPIHRGAEITGVVLVLHDMTRERQYMARLSWQATHDALTGLTNRREFEYRL
QIALERLERNSGRHALMFLDLDQFKLVNDTCGHAAGDELLRQVCTLLQQGLREGDTLARLGGDEFGILLENCPAEKAVEI
ADHLRKTIQDLHFTWSGQPFNCTVSVGLVHLLPGISTLEEALRSADMACYMAKEKGRNRVQVFHQDDVELSMRFGEMTWV
QRIHLALEEDRFSLYAQPIVPLGEGAEEGLHVELLLRLRDEGGRLVPPLSFIPAAERYGLMTLIDRWVVENAFRTLVERA
QDPRAEPIGTCAINLSGATIGDESFLQFLTELFARYRIPPQTICFEVTETVAVANLASAIRFINELKDTGCRFSLDDFCA
GMSSFIYLKHLPVDYLKIDGSFVKDMLEDPIDRAMVQVINHIGHVMGKRTIAEFVETVEVMEALREIGIDYAQGLAIGAP
LPFSRQPP
;
_entity_poly.pdbx_strand_id   A
#
# COMPACT_ATOMS: atom_id res chain seq x y z
N ASP A 9 -14.24 45.96 -17.94
CA ASP A 9 -13.22 46.50 -17.04
C ASP A 9 -11.80 46.09 -17.45
N ALA A 10 -10.79 46.46 -16.64
CA ALA A 10 -9.37 46.14 -16.85
C ALA A 10 -8.99 44.83 -16.12
N GLU A 11 -9.98 44.20 -15.43
CA GLU A 11 -9.85 42.92 -14.71
C GLU A 11 -9.60 41.76 -15.71
N ARG A 12 -10.20 41.86 -16.92
CA ARG A 12 -10.08 40.90 -18.02
C ARG A 12 -8.61 40.57 -18.30
N GLU A 13 -7.74 41.62 -18.37
CA GLU A 13 -6.31 41.50 -18.60
C GLU A 13 -5.63 40.65 -17.52
N ARG A 14 -5.97 40.91 -16.23
CA ARG A 14 -5.45 40.19 -15.06
C ARG A 14 -5.83 38.71 -15.14
N ALA A 15 -7.14 38.42 -15.34
CA ALA A 15 -7.72 37.09 -15.44
C ALA A 15 -7.19 36.30 -16.63
N GLN A 16 -7.09 36.92 -17.82
CA GLN A 16 -6.60 36.27 -19.04
C GLN A 16 -5.18 35.75 -18.91
N ILE A 17 -4.26 36.53 -18.30
CA ILE A 17 -2.85 36.12 -18.09
C ILE A 17 -2.79 34.91 -17.12
N THR A 18 -3.64 34.92 -16.07
CA THR A 18 -3.76 33.84 -15.07
C THR A 18 -4.30 32.58 -15.75
N LEU A 19 -5.42 32.73 -16.50
CA LEU A 19 -6.08 31.67 -17.26
C LEU A 19 -5.17 31.07 -18.33
N ALA A 20 -4.25 31.88 -18.91
CA ALA A 20 -3.27 31.44 -19.93
C ALA A 20 -2.05 30.77 -19.30
N SER A 21 -1.75 31.07 -18.03
CA SER A 21 -0.63 30.48 -17.28
C SER A 21 -0.95 29.04 -16.85
N ILE A 22 -2.25 28.75 -16.62
CA ILE A 22 -2.78 27.42 -16.28
C ILE A 22 -2.56 26.55 -17.52
N GLY A 23 -1.95 25.39 -17.31
CA GLY A 23 -1.66 24.43 -18.38
C GLY A 23 -2.89 23.63 -18.79
N ASP A 24 -3.87 23.53 -17.88
CA ASP A 24 -5.13 22.83 -18.10
C ASP A 24 -6.11 23.66 -18.91
N GLY A 25 -6.81 22.99 -19.83
CA GLY A 25 -7.82 23.58 -20.70
C GLY A 25 -9.02 24.05 -19.93
N VAL A 26 -9.29 25.35 -19.94
CA VAL A 26 -10.43 25.91 -19.23
C VAL A 26 -11.48 26.36 -20.23
N ILE A 27 -12.70 25.83 -20.08
CA ILE A 27 -13.84 26.16 -20.94
C ILE A 27 -14.97 26.74 -20.09
N THR A 28 -15.46 27.91 -20.45
CA THR A 28 -16.61 28.52 -19.79
C THR A 28 -17.73 28.62 -20.83
N ALA A 29 -18.89 28.10 -20.49
CA ALA A 29 -20.02 28.13 -21.41
C ALA A 29 -21.30 28.55 -20.70
N ASP A 30 -22.30 29.07 -21.45
CA ASP A 30 -23.60 29.43 -20.87
C ASP A 30 -24.38 28.15 -20.51
N THR A 31 -25.49 28.30 -19.78
CA THR A 31 -26.34 27.18 -19.35
C THR A 31 -26.84 26.32 -20.53
N GLN A 32 -26.99 26.93 -21.72
CA GLN A 32 -27.49 26.32 -22.97
C GLN A 32 -26.39 25.80 -23.92
N GLY A 33 -25.13 25.78 -23.47
CA GLY A 33 -24.01 25.27 -24.27
C GLY A 33 -23.09 26.26 -24.95
N GLY A 34 -23.62 27.43 -25.35
CA GLY A 34 -22.89 28.49 -26.04
C GLY A 34 -21.61 28.88 -25.33
N ILE A 35 -20.48 28.91 -26.05
CA ILE A 35 -19.14 29.17 -25.47
C ILE A 35 -18.92 30.64 -25.12
N SER A 36 -18.36 30.90 -23.91
CA SER A 36 -18.04 32.22 -23.38
C SER A 36 -16.52 32.42 -23.28
N TYR A 37 -15.78 31.35 -22.94
CA TYR A 37 -14.33 31.43 -22.77
C TYR A 37 -13.62 30.13 -23.07
N LEU A 38 -12.44 30.26 -23.68
CA LEU A 38 -11.49 29.19 -23.96
C LEU A 38 -10.13 29.82 -23.73
N ASN A 39 -9.31 29.23 -22.85
CA ASN A 39 -7.95 29.69 -22.64
C ASN A 39 -7.06 29.07 -23.76
N PRO A 40 -5.80 29.53 -24.01
CA PRO A 40 -4.99 28.90 -25.08
C PRO A 40 -4.87 27.35 -25.06
N ALA A 41 -4.92 26.73 -23.86
CA ALA A 41 -4.91 25.27 -23.71
C ALA A 41 -6.22 24.65 -24.23
N ALA A 42 -7.38 25.31 -23.97
CA ALA A 42 -8.70 24.89 -24.43
C ALA A 42 -8.79 25.02 -25.95
N GLU A 43 -8.27 26.14 -26.52
CA GLU A 43 -8.21 26.44 -27.95
C GLU A 43 -7.41 25.38 -28.73
N GLN A 44 -6.22 25.00 -28.20
CA GLN A 44 -5.31 23.97 -28.75
C GLN A 44 -5.93 22.57 -28.63
N MET A 45 -6.72 22.35 -27.58
CA MET A 45 -7.37 21.07 -27.32
C MET A 45 -8.57 20.84 -28.24
N THR A 46 -9.39 21.88 -28.44
CA THR A 46 -10.64 21.85 -29.20
C THR A 46 -10.48 22.21 -30.69
N ASN A 47 -9.29 22.73 -31.10
CA ASN A 47 -8.97 23.15 -32.47
C ASN A 47 -9.77 24.40 -32.91
N TRP A 48 -10.40 25.10 -31.94
CA TRP A 48 -11.21 26.29 -32.16
C TRP A 48 -10.75 27.46 -31.31
N THR A 49 -10.60 28.64 -31.94
CA THR A 49 -10.23 29.87 -31.25
C THR A 49 -11.50 30.45 -30.62
N LEU A 50 -11.33 31.27 -29.57
CA LEU A 50 -12.45 31.91 -28.88
C LEU A 50 -13.20 32.86 -29.81
N ASP A 51 -12.46 33.60 -30.67
CA ASP A 51 -13.01 34.58 -31.63
C ASP A 51 -13.91 33.93 -32.66
N LYS A 52 -13.60 32.67 -33.04
CA LYS A 52 -14.34 31.87 -34.01
C LYS A 52 -15.35 30.90 -33.34
N ALA A 53 -15.32 30.78 -31.98
CA ALA A 53 -16.22 29.91 -31.23
C ALA A 53 -17.19 30.61 -30.24
N ARG A 54 -17.00 31.93 -29.98
CA ARG A 54 -17.83 32.71 -29.04
C ARG A 54 -19.29 32.77 -29.45
N GLY A 55 -20.16 32.34 -28.54
CA GLY A 55 -21.60 32.30 -28.74
C GLY A 55 -22.10 30.99 -29.28
N LEU A 56 -21.28 30.29 -30.08
CA LEU A 56 -21.61 29.03 -30.72
C LEU A 56 -21.73 27.90 -29.69
N PRO A 57 -22.69 26.96 -29.85
CA PRO A 57 -22.83 25.88 -28.87
C PRO A 57 -21.67 24.89 -28.89
N LEU A 58 -21.33 24.35 -27.70
CA LEU A 58 -20.26 23.38 -27.44
C LEU A 58 -20.35 22.18 -28.42
N ALA A 59 -21.47 21.42 -28.35
CA ALA A 59 -21.74 20.22 -29.15
C ALA A 59 -21.58 20.39 -30.68
N SER A 60 -21.81 21.62 -31.21
CA SER A 60 -21.68 21.93 -32.63
C SER A 60 -20.24 22.23 -33.10
N LEU A 61 -19.29 22.41 -32.15
CA LEU A 61 -17.88 22.68 -32.46
C LEU A 61 -17.07 21.39 -32.27
N PHE A 62 -17.19 20.79 -31.08
CA PHE A 62 -16.50 19.57 -30.66
C PHE A 62 -17.42 18.70 -29.79
N ARG A 63 -17.00 17.45 -29.55
CA ARG A 63 -17.74 16.52 -28.72
C ARG A 63 -16.90 16.06 -27.53
N ILE A 64 -17.53 16.01 -26.35
CA ILE A 64 -16.90 15.53 -25.12
C ILE A 64 -17.59 14.21 -24.79
N VAL A 65 -17.29 13.20 -25.60
CA VAL A 65 -17.86 11.86 -25.52
C VAL A 65 -17.14 10.95 -24.49
N ASP A 66 -17.28 9.63 -24.65
CA ASP A 66 -16.65 8.59 -23.85
C ASP A 66 -16.06 7.51 -24.80
N GLU A 67 -15.76 6.30 -24.30
CA GLU A 67 -15.20 5.23 -25.14
C GLU A 67 -16.32 4.21 -25.47
N SER A 68 -16.66 4.07 -26.77
CA SER A 68 -17.73 3.19 -27.26
C SER A 68 -17.19 2.11 -28.22
N GLU A 78 -24.81 15.03 -21.41
CA GLU A 78 -23.89 16.17 -21.39
C GLU A 78 -24.28 17.23 -20.35
N GLN A 79 -25.60 17.51 -20.27
CA GLN A 79 -26.24 18.47 -19.35
C GLN A 79 -26.18 18.01 -17.88
N ILE A 80 -25.78 16.73 -17.65
CA ILE A 80 -25.63 16.00 -16.38
C ILE A 80 -24.94 16.82 -15.26
N LEU A 81 -24.07 17.78 -15.63
CA LEU A 81 -23.32 18.65 -14.72
C LEU A 81 -24.21 19.42 -13.74
N SER A 82 -25.33 19.97 -14.25
CA SER A 82 -26.33 20.72 -13.49
C SER A 82 -26.98 19.83 -12.42
N GLY A 83 -27.13 18.55 -12.73
CA GLY A 83 -27.65 17.53 -11.84
C GLY A 83 -26.56 17.03 -10.92
N GLU A 84 -26.06 15.81 -11.17
CA GLU A 84 -25.00 15.22 -10.34
C GLU A 84 -23.86 14.56 -11.14
N ILE A 85 -22.73 15.31 -11.20
CA ILE A 85 -21.41 15.06 -11.82
C ILE A 85 -20.63 16.38 -11.64
N ASP A 86 -20.23 16.65 -10.38
CA ASP A 86 -19.54 17.87 -9.95
C ASP A 86 -18.03 17.88 -10.28
N GLY A 87 -17.32 18.87 -9.71
CA GLY A 87 -15.89 19.06 -9.87
C GLY A 87 -15.07 18.46 -8.74
N GLY A 88 -15.73 17.71 -7.86
CA GLY A 88 -15.09 17.03 -6.74
C GLY A 88 -14.23 15.89 -7.22
N ARG A 89 -14.76 15.06 -8.13
CA ARG A 89 -14.05 13.93 -8.72
C ARG A 89 -13.77 14.19 -10.21
N GLU A 90 -12.64 13.65 -10.72
CA GLU A 90 -12.25 13.78 -12.13
C GLU A 90 -12.90 12.68 -12.95
N HIS A 91 -13.43 13.03 -14.12
CA HIS A 91 -14.13 12.10 -15.01
C HIS A 91 -13.38 11.90 -16.32
N SER A 92 -13.02 10.64 -16.63
CA SER A 92 -12.31 10.31 -17.86
C SER A 92 -13.22 10.37 -19.09
N LYS A 93 -12.96 11.36 -19.95
CA LYS A 93 -13.67 11.64 -21.19
C LYS A 93 -12.66 11.76 -22.34
N LEU A 94 -13.15 11.87 -23.59
CA LEU A 94 -12.32 12.11 -24.78
C LEU A 94 -12.81 13.42 -25.36
N VAL A 95 -11.99 14.06 -26.21
CA VAL A 95 -12.38 15.27 -26.91
C VAL A 95 -12.35 14.93 -28.41
N LEU A 96 -13.50 14.46 -28.94
CA LEU A 96 -13.63 14.13 -30.36
C LEU A 96 -13.96 15.43 -31.08
N ARG A 97 -13.00 15.97 -31.87
CA ARG A 97 -13.12 17.28 -32.53
C ARG A 97 -13.51 17.25 -34.03
N HIS A 98 -13.75 16.06 -34.61
CA HIS A 98 -14.20 15.85 -36.00
C HIS A 98 -13.36 16.60 -37.08
N ASP A 99 -12.08 16.79 -36.81
CA ASP A 99 -11.08 17.40 -37.67
C ASP A 99 -9.80 16.59 -37.41
N GLY A 100 -9.04 16.98 -36.39
CA GLY A 100 -7.84 16.28 -35.95
C GLY A 100 -8.12 15.14 -34.98
N SER A 101 -9.41 14.86 -34.72
CA SER A 101 -9.94 13.80 -33.85
C SER A 101 -9.41 13.82 -32.39
N SER A 102 -9.79 12.81 -31.58
CA SER A 102 -9.53 12.52 -30.15
C SER A 102 -8.34 13.21 -29.45
N VAL A 103 -8.60 13.59 -28.16
CA VAL A 103 -7.68 14.14 -27.15
C VAL A 103 -8.17 13.52 -25.82
N PRO A 104 -7.40 12.64 -25.13
CA PRO A 104 -7.91 12.06 -23.87
C PRO A 104 -7.75 13.01 -22.67
N VAL A 105 -8.88 13.28 -21.99
CA VAL A 105 -8.91 14.22 -20.86
C VAL A 105 -9.43 13.61 -19.54
N THR A 106 -9.34 14.39 -18.44
CA THR A 106 -9.90 14.17 -17.12
C THR A 106 -10.63 15.45 -16.80
N LEU A 107 -11.95 15.40 -17.04
CA LEU A 107 -12.90 16.49 -16.87
C LEU A 107 -13.25 16.71 -15.42
N VAL A 108 -13.54 17.96 -15.10
CA VAL A 108 -14.02 18.47 -13.81
C VAL A 108 -14.94 19.62 -14.19
N GLY A 109 -16.15 19.60 -13.64
CA GLY A 109 -17.13 20.62 -13.94
C GLY A 109 -17.84 21.20 -12.73
N ALA A 110 -18.10 22.49 -12.77
CA ALA A 110 -18.81 23.16 -11.69
C ALA A 110 -19.83 24.14 -12.28
N PRO A 111 -21.02 24.30 -11.66
CA PRO A 111 -21.98 25.27 -12.19
C PRO A 111 -21.52 26.70 -11.93
N ILE A 112 -21.98 27.65 -12.76
CA ILE A 112 -21.68 29.07 -12.57
C ILE A 112 -22.97 29.72 -12.05
N HIS A 113 -22.87 30.43 -10.92
CA HIS A 113 -24.03 31.09 -10.32
C HIS A 113 -23.96 32.60 -10.41
N ARG A 114 -25.13 33.24 -10.28
CA ARG A 114 -25.31 34.69 -10.22
C ARG A 114 -25.61 35.00 -8.74
N GLY A 115 -26.21 34.01 -8.07
CA GLY A 115 -26.62 34.03 -6.67
C GLY A 115 -27.91 33.26 -6.58
N ALA A 116 -27.79 31.91 -6.60
CA ALA A 116 -28.89 30.89 -6.62
C ALA A 116 -29.58 30.83 -8.00
N GLU A 117 -28.95 31.46 -9.01
CA GLU A 117 -29.38 31.52 -10.40
C GLU A 117 -28.23 30.93 -11.28
N ILE A 118 -28.42 29.68 -11.76
CA ILE A 118 -27.43 28.98 -12.60
C ILE A 118 -27.37 29.63 -13.99
N THR A 119 -26.30 30.40 -14.23
CA THR A 119 -26.09 31.13 -15.49
C THR A 119 -25.27 30.35 -16.52
N GLY A 120 -24.29 29.56 -16.04
CA GLY A 120 -23.43 28.79 -16.93
C GLY A 120 -22.75 27.58 -16.34
N VAL A 121 -21.64 27.18 -16.98
CA VAL A 121 -20.81 26.03 -16.62
C VAL A 121 -19.30 26.32 -16.81
N VAL A 122 -18.46 25.82 -15.88
CA VAL A 122 -17.00 25.92 -15.96
C VAL A 122 -16.41 24.50 -16.08
N LEU A 123 -15.67 24.25 -17.15
CA LEU A 123 -15.03 22.97 -17.40
C LEU A 123 -13.51 23.12 -17.33
N VAL A 124 -12.86 22.29 -16.49
CA VAL A 124 -11.41 22.20 -16.31
C VAL A 124 -11.07 20.86 -16.96
N LEU A 125 -10.36 20.93 -18.08
CA LEU A 125 -9.96 19.78 -18.89
C LEU A 125 -8.44 19.58 -18.87
N HIS A 126 -7.98 18.47 -18.27
CA HIS A 126 -6.57 18.11 -18.19
C HIS A 126 -6.19 17.02 -19.20
N ASP A 127 -5.30 17.38 -20.14
CA ASP A 127 -4.78 16.55 -21.25
C ASP A 127 -3.79 15.48 -20.77
N MET A 128 -4.23 14.23 -20.82
CA MET A 128 -3.50 13.04 -20.38
C MET A 128 -2.18 12.78 -21.12
N THR A 129 -2.06 13.32 -22.34
CA THR A 129 -0.91 13.21 -23.22
C THR A 129 0.28 14.05 -22.69
N ARG A 130 -0.02 15.18 -22.03
CA ARG A 130 0.95 16.13 -21.44
C ARG A 130 1.69 15.58 -20.20
N GLU A 131 1.10 14.62 -19.48
CA GLU A 131 1.66 14.01 -18.25
C GLU A 131 3.12 13.53 -18.42
N ARG A 132 3.42 13.02 -19.61
CA ARG A 132 4.70 12.51 -20.08
C ARG A 132 5.75 13.64 -20.12
N GLN A 133 5.32 14.90 -20.34
CA GLN A 133 6.17 16.09 -20.45
C GLN A 133 6.50 16.75 -19.12
N TYR A 134 5.87 16.34 -18.00
CA TYR A 134 6.19 16.96 -16.72
C TYR A 134 7.48 16.35 -16.13
N MET A 135 8.65 16.87 -16.57
CA MET A 135 9.97 16.39 -16.17
C MET A 135 10.34 16.68 -14.71
N ALA A 136 10.01 17.88 -14.21
CA ALA A 136 10.25 18.27 -12.82
C ALA A 136 9.44 17.39 -11.87
N ARG A 137 8.20 17.00 -12.30
CA ARG A 137 7.28 16.13 -11.56
C ARG A 137 7.83 14.71 -11.46
N LEU A 138 8.29 14.12 -12.60
CA LEU A 138 8.88 12.78 -12.61
C LEU A 138 10.10 12.73 -11.70
N SER A 139 10.99 13.71 -11.85
CA SER A 139 12.22 13.84 -11.07
C SER A 139 11.93 13.91 -9.58
N TRP A 140 10.89 14.71 -9.19
CA TRP A 140 10.50 14.89 -7.81
C TRP A 140 10.02 13.54 -7.29
N GLN A 141 9.07 12.93 -8.00
CA GLN A 141 8.51 11.63 -7.67
C GLN A 141 9.57 10.59 -7.39
N ALA A 142 10.59 10.48 -8.25
CA ALA A 142 11.67 9.48 -8.11
C ALA A 142 12.57 9.68 -6.88
N THR A 143 12.51 10.85 -6.26
CA THR A 143 13.33 11.20 -5.09
C THR A 143 12.51 11.52 -3.83
N HIS A 144 11.17 11.39 -3.89
CA HIS A 144 10.31 11.74 -2.76
C HIS A 144 9.11 10.81 -2.60
N ASP A 145 8.63 10.64 -1.37
CA ASP A 145 7.44 9.85 -1.11
C ASP A 145 6.22 10.66 -1.56
N ALA A 146 5.36 10.03 -2.37
CA ALA A 146 4.18 10.62 -2.96
C ALA A 146 3.14 10.99 -1.92
N LEU A 147 3.15 10.33 -0.76
CA LEU A 147 2.19 10.59 0.31
C LEU A 147 2.59 11.73 1.21
N THR A 148 3.69 11.49 1.92
CA THR A 148 4.23 12.32 2.97
C THR A 148 4.95 13.57 2.38
N GLY A 149 5.50 13.46 1.17
CA GLY A 149 6.21 14.56 0.51
C GLY A 149 7.68 14.63 0.81
N LEU A 150 8.14 13.85 1.81
CA LEU A 150 9.52 13.75 2.27
C LEU A 150 10.37 12.98 1.26
N THR A 151 11.70 12.94 1.44
CA THR A 151 12.54 12.15 0.53
C THR A 151 12.24 10.67 0.71
N ASN A 152 12.47 9.86 -0.33
CA ASN A 152 12.19 8.43 -0.30
C ASN A 152 13.43 7.62 0.08
N ARG A 153 13.34 6.27 0.05
CA ARG A 153 14.47 5.38 0.38
C ARG A 153 15.65 5.66 -0.57
N ARG A 154 15.37 5.77 -1.90
CA ARG A 154 16.29 6.09 -3.01
C ARG A 154 17.15 7.30 -2.66
N GLU A 155 16.52 8.48 -2.47
CA GLU A 155 17.18 9.73 -2.12
C GLU A 155 17.91 9.67 -0.77
N PHE A 156 17.32 9.02 0.23
CA PHE A 156 17.91 8.92 1.57
C PHE A 156 19.19 8.12 1.55
N GLU A 157 19.15 6.91 1.00
CA GLU A 157 20.31 6.04 0.88
C GLU A 157 21.41 6.74 0.10
N TYR A 158 21.02 7.54 -0.92
CA TYR A 158 21.93 8.34 -1.75
C TYR A 158 22.63 9.38 -0.89
N ARG A 159 21.84 10.17 -0.12
CA ARG A 159 22.33 11.20 0.80
C ARG A 159 23.16 10.60 1.93
N LEU A 160 22.75 9.41 2.44
CA LEU A 160 23.50 8.73 3.50
C LEU A 160 24.86 8.29 2.98
N GLN A 161 24.89 7.64 1.79
CA GLN A 161 26.11 7.18 1.14
C GLN A 161 27.07 8.34 0.98
N ILE A 162 26.57 9.47 0.41
CA ILE A 162 27.26 10.73 0.16
C ILE A 162 27.87 11.26 1.44
N ALA A 163 27.09 11.31 2.55
CA ALA A 163 27.58 11.74 3.87
C ALA A 163 28.82 10.95 4.27
N LEU A 164 28.87 9.64 3.98
CA LEU A 164 30.01 8.76 4.29
C LEU A 164 31.19 8.85 3.27
N GLU A 165 30.89 8.87 1.95
CA GLU A 165 31.88 8.84 0.86
C GLU A 165 32.49 10.22 0.45
N ARG A 166 31.77 11.33 0.71
CA ARG A 166 32.17 12.72 0.39
C ARG A 166 33.63 13.02 0.75
N LEU A 167 34.33 13.77 -0.12
CA LEU A 167 35.71 14.16 0.15
C LEU A 167 35.72 15.39 1.08
N GLU A 168 34.77 16.31 0.85
CA GLU A 168 34.64 17.57 1.59
C GLU A 168 33.60 17.52 2.72
N ARG A 169 33.69 18.48 3.68
CA ARG A 169 32.76 18.66 4.80
C ARG A 169 32.56 17.41 5.73
N ASN A 170 33.52 16.47 5.72
CA ASN A 170 33.44 15.25 6.53
C ASN A 170 34.40 15.31 7.73
N SER A 171 34.16 16.32 8.59
CA SER A 171 34.92 16.67 9.79
C SER A 171 34.54 15.83 11.01
N GLY A 172 33.27 15.88 11.37
CA GLY A 172 32.74 15.19 12.53
C GLY A 172 32.05 13.89 12.24
N ARG A 173 31.08 13.54 13.08
CA ARG A 173 30.32 12.30 12.96
C ARG A 173 28.87 12.58 12.57
N HIS A 174 28.19 11.59 11.99
CA HIS A 174 26.79 11.70 11.56
C HIS A 174 25.89 10.82 12.46
N ALA A 175 24.55 11.02 12.41
CA ALA A 175 23.61 10.24 13.22
C ALA A 175 22.44 9.66 12.41
N LEU A 176 22.41 8.33 12.28
CA LEU A 176 21.33 7.67 11.56
C LEU A 176 20.27 7.21 12.52
N MET A 177 19.02 7.59 12.23
CA MET A 177 17.85 7.24 13.02
C MET A 177 16.78 6.54 12.19
N PHE A 178 16.18 5.49 12.77
CA PHE A 178 15.05 4.77 12.20
C PHE A 178 13.91 4.90 13.20
N LEU A 179 12.87 5.64 12.83
CA LEU A 179 11.69 5.89 13.65
C LEU A 179 10.52 5.14 13.07
N ASP A 180 10.03 4.15 13.79
CA ASP A 180 8.94 3.29 13.35
C ASP A 180 7.75 3.50 14.27
N LEU A 181 6.59 3.84 13.69
CA LEU A 181 5.34 4.05 14.44
C LEU A 181 4.86 2.76 15.09
N ASP A 182 4.38 2.86 16.34
CA ASP A 182 3.92 1.70 17.09
C ASP A 182 2.46 1.44 16.80
N GLN A 183 2.09 0.14 16.69
CA GLN A 183 0.73 -0.32 16.36
C GLN A 183 0.09 0.59 15.31
N PHE A 184 0.74 0.73 14.13
CA PHE A 184 0.22 1.58 13.07
C PHE A 184 -0.85 0.83 12.31
N LYS A 185 -0.79 -0.52 12.33
CA LYS A 185 -1.78 -1.39 11.72
C LYS A 185 -3.12 -1.21 12.44
N LEU A 186 -3.09 -0.87 13.75
CA LEU A 186 -4.27 -0.61 14.60
C LEU A 186 -5.12 0.45 13.93
N VAL A 187 -4.52 1.64 13.67
CA VAL A 187 -5.14 2.79 13.01
C VAL A 187 -5.76 2.43 11.65
N ASN A 188 -5.05 1.65 10.83
CA ASN A 188 -5.54 1.23 9.52
C ASN A 188 -6.67 0.20 9.58
N ASP A 189 -6.50 -0.87 10.36
CA ASP A 189 -7.54 -1.88 10.46
C ASP A 189 -8.77 -1.38 11.21
N THR A 190 -8.60 -0.37 12.11
CA THR A 190 -9.70 0.23 12.90
C THR A 190 -10.51 1.26 12.10
N CYS A 191 -9.84 2.26 11.48
CA CYS A 191 -10.49 3.34 10.73
C CYS A 191 -10.37 3.20 9.23
N GLY A 192 -9.30 2.60 8.75
CA GLY A 192 -9.09 2.52 7.32
C GLY A 192 -7.82 3.21 6.90
N HIS A 193 -7.43 3.00 5.66
CA HIS A 193 -6.22 3.51 5.04
C HIS A 193 -6.13 5.04 5.07
N ALA A 194 -7.26 5.74 4.84
CA ALA A 194 -7.32 7.20 4.78
C ALA A 194 -6.83 7.83 6.07
N ALA A 195 -7.27 7.25 7.24
CA ALA A 195 -6.89 7.63 8.61
C ALA A 195 -5.38 7.46 8.86
N GLY A 196 -4.83 6.33 8.43
CA GLY A 196 -3.42 6.00 8.56
C GLY A 196 -2.52 6.94 7.77
N ASP A 197 -2.98 7.37 6.59
CA ASP A 197 -2.28 8.32 5.71
C ASP A 197 -2.19 9.71 6.41
N GLU A 198 -3.29 10.12 7.09
CA GLU A 198 -3.39 11.38 7.81
C GLU A 198 -2.40 11.35 8.95
N LEU A 199 -2.40 10.27 9.75
CA LEU A 199 -1.47 10.07 10.86
C LEU A 199 -0.05 10.16 10.37
N LEU A 200 0.31 9.42 9.29
CA LEU A 200 1.63 9.49 8.64
C LEU A 200 1.99 10.95 8.27
N ARG A 201 1.07 11.68 7.59
CA ARG A 201 1.23 13.10 7.22
C ARG A 201 1.42 14.01 8.47
N GLN A 202 0.73 13.70 9.57
CA GLN A 202 0.81 14.43 10.83
C GLN A 202 2.12 14.13 11.57
N VAL A 203 2.57 12.85 11.52
CA VAL A 203 3.82 12.40 12.11
C VAL A 203 4.95 13.11 11.36
N CYS A 204 4.81 13.20 10.02
CA CYS A 204 5.72 13.88 9.09
C CYS A 204 5.93 15.38 9.49
N THR A 205 4.83 16.16 9.67
CA THR A 205 4.89 17.57 10.06
C THR A 205 5.63 17.81 11.38
N LEU A 206 5.47 16.90 12.38
CA LEU A 206 6.15 17.02 13.68
C LEU A 206 7.64 16.77 13.57
N LEU A 207 8.04 15.75 12.81
CA LEU A 207 9.46 15.43 12.60
C LEU A 207 10.09 16.52 11.73
N GLN A 208 9.27 17.22 10.92
CA GLN A 208 9.73 18.34 10.09
C GLN A 208 10.08 19.52 11.00
N GLN A 209 9.13 19.92 11.88
CA GLN A 209 9.27 21.00 12.85
C GLN A 209 10.43 20.79 13.81
N GLY A 210 10.67 19.52 14.18
CA GLY A 210 11.71 19.10 15.12
C GLY A 210 13.14 19.10 14.62
N LEU A 211 13.33 19.01 13.29
CA LEU A 211 14.66 18.98 12.66
C LEU A 211 15.05 20.33 12.08
N ARG A 212 16.38 20.59 12.01
CA ARG A 212 16.94 21.83 11.49
C ARG A 212 17.40 21.68 10.03
N GLU A 213 17.62 22.80 9.32
CA GLU A 213 18.07 22.81 7.93
C GLU A 213 19.44 22.14 7.82
N GLY A 214 19.51 21.15 6.94
CA GLY A 214 20.71 20.33 6.74
C GLY A 214 20.41 18.89 7.07
N ASP A 215 19.54 18.68 8.09
CA ASP A 215 19.04 17.38 8.53
C ASP A 215 18.13 16.82 7.45
N THR A 216 18.33 15.53 7.16
CA THR A 216 17.61 14.79 6.13
C THR A 216 16.55 13.91 6.79
N LEU A 217 15.28 14.10 6.38
CA LEU A 217 14.15 13.33 6.90
C LEU A 217 13.43 12.66 5.74
N ALA A 218 13.24 11.33 5.81
CA ALA A 218 12.59 10.56 4.74
C ALA A 218 11.58 9.52 5.22
N ARG A 219 10.61 9.12 4.38
CA ARG A 219 9.76 7.98 4.70
C ARG A 219 10.46 6.84 3.97
N LEU A 220 10.95 5.84 4.71
CA LEU A 220 11.69 4.73 4.12
C LEU A 220 10.79 3.57 3.72
N GLY A 221 9.49 3.73 3.96
CA GLY A 221 8.50 2.72 3.65
C GLY A 221 7.69 2.42 4.87
N GLY A 222 6.44 2.02 4.65
CA GLY A 222 5.48 1.71 5.69
C GLY A 222 5.26 2.87 6.64
N ASP A 223 5.41 2.60 7.93
CA ASP A 223 5.31 3.55 9.01
C ASP A 223 6.72 3.84 9.53
N GLU A 224 7.73 3.63 8.68
CA GLU A 224 9.12 3.83 9.05
C GLU A 224 9.73 5.04 8.36
N PHE A 225 10.33 5.92 9.19
CA PHE A 225 11.00 7.14 8.78
C PHE A 225 12.49 7.03 9.03
N GLY A 226 13.26 7.73 8.22
CA GLY A 226 14.71 7.81 8.34
C GLY A 226 15.13 9.23 8.60
N ILE A 227 16.01 9.42 9.60
CA ILE A 227 16.55 10.73 9.95
C ILE A 227 18.07 10.70 9.96
N LEU A 228 18.71 11.66 9.26
CA LEU A 228 20.17 11.81 9.20
C LEU A 228 20.58 13.19 9.68
N LEU A 229 21.47 13.22 10.66
CA LEU A 229 22.01 14.41 11.31
C LEU A 229 23.51 14.42 11.03
N GLU A 230 23.92 15.09 9.96
CA GLU A 230 25.32 15.17 9.56
C GLU A 230 26.05 16.15 10.45
N ASN A 231 27.28 15.78 10.86
CA ASN A 231 28.20 16.59 11.67
C ASN A 231 27.51 17.16 12.93
N CYS A 232 27.00 16.24 13.75
CA CYS A 232 26.26 16.48 15.00
C CYS A 232 26.80 15.53 16.11
N PRO A 233 27.26 16.08 17.28
CA PRO A 233 27.83 15.21 18.33
C PRO A 233 26.92 14.11 18.87
N ALA A 234 27.52 13.05 19.43
CA ALA A 234 26.84 11.88 20.00
C ALA A 234 25.71 12.24 20.99
N GLU A 235 26.01 13.10 21.97
CA GLU A 235 25.08 13.56 22.99
C GLU A 235 23.95 14.40 22.38
N LYS A 236 24.27 15.22 21.37
CA LYS A 236 23.29 16.07 20.69
C LYS A 236 22.33 15.17 19.89
N ALA A 237 22.88 14.16 19.21
CA ALA A 237 22.16 13.21 18.37
C ALA A 237 21.08 12.44 19.15
N VAL A 238 21.44 11.88 20.32
CA VAL A 238 20.50 11.14 21.18
C VAL A 238 19.42 12.11 21.74
N GLU A 239 19.84 13.33 22.18
CA GLU A 239 18.96 14.37 22.72
C GLU A 239 17.83 14.70 21.76
N ILE A 240 18.14 14.84 20.45
CA ILE A 240 17.16 15.15 19.41
C ILE A 240 16.17 13.99 19.24
N ALA A 241 16.69 12.75 19.18
CA ALA A 241 15.90 11.52 19.04
C ALA A 241 14.83 11.38 20.11
N ASP A 242 15.22 11.52 21.41
CA ASP A 242 14.31 11.41 22.55
C ASP A 242 13.26 12.53 22.56
N HIS A 243 13.63 13.73 22.06
CA HIS A 243 12.73 14.88 21.96
C HIS A 243 11.67 14.60 20.91
N LEU A 244 12.08 14.04 19.74
CA LEU A 244 11.18 13.70 18.63
C LEU A 244 10.26 12.58 19.08
N ARG A 245 10.79 11.59 19.84
CA ARG A 245 10.03 10.48 20.41
C ARG A 245 8.91 11.04 21.29
N LYS A 246 9.24 12.05 22.14
CA LYS A 246 8.35 12.74 23.06
C LYS A 246 7.27 13.52 22.32
N THR A 247 7.64 14.32 21.29
CA THR A 247 6.68 15.11 20.50
C THR A 247 5.61 14.24 19.80
N ILE A 248 5.94 12.99 19.39
CA ILE A 248 4.98 12.08 18.77
C ILE A 248 4.07 11.51 19.86
N GLN A 249 4.63 11.23 21.07
CA GLN A 249 3.90 10.74 22.24
C GLN A 249 2.84 11.78 22.66
N ASP A 250 3.18 13.07 22.56
CA ASP A 250 2.30 14.19 22.88
C ASP A 250 1.33 14.50 21.74
N LEU A 251 1.45 13.83 20.58
CA LEU A 251 0.54 14.08 19.47
C LEU A 251 -0.83 13.48 19.77
N HIS A 252 -1.82 14.36 19.90
CA HIS A 252 -3.19 13.95 20.14
C HIS A 252 -3.81 13.71 18.76
N PHE A 253 -3.59 12.51 18.20
CA PHE A 253 -4.16 12.20 16.90
C PHE A 253 -5.60 11.78 17.10
N THR A 254 -6.50 12.27 16.25
CA THR A 254 -7.92 11.92 16.28
C THR A 254 -8.43 11.70 14.85
N TRP A 255 -9.29 10.69 14.68
CA TRP A 255 -9.91 10.40 13.39
C TRP A 255 -11.42 10.36 13.54
N SER A 256 -12.07 11.42 13.02
CA SER A 256 -13.52 11.64 13.08
C SER A 256 -14.02 11.42 14.52
N GLY A 257 -13.45 12.19 15.45
CA GLY A 257 -13.75 12.14 16.88
C GLY A 257 -12.88 11.19 17.67
N GLN A 258 -12.71 9.96 17.16
CA GLN A 258 -11.96 8.85 17.75
C GLN A 258 -10.45 9.16 17.97
N PRO A 259 -9.98 9.25 19.24
CA PRO A 259 -8.55 9.53 19.47
C PRO A 259 -7.65 8.28 19.46
N PHE A 260 -6.42 8.46 18.95
CA PHE A 260 -5.39 7.42 18.90
C PHE A 260 -4.10 7.85 19.58
N ASN A 261 -3.51 6.94 20.36
CA ASN A 261 -2.27 7.17 21.10
C ASN A 261 -1.11 6.82 20.18
N CYS A 262 -0.58 7.84 19.49
CA CYS A 262 0.53 7.61 18.59
C CYS A 262 1.84 7.60 19.31
N THR A 263 2.62 6.55 19.06
CA THR A 263 3.93 6.36 19.70
C THR A 263 4.95 5.87 18.64
N VAL A 264 6.24 6.12 18.89
CA VAL A 264 7.33 5.76 17.97
C VAL A 264 8.51 5.03 18.66
N SER A 265 9.08 4.04 17.98
CA SER A 265 10.25 3.27 18.40
C SER A 265 11.42 3.75 17.54
N VAL A 266 12.43 4.34 18.21
CA VAL A 266 13.58 4.96 17.59
C VAL A 266 14.85 4.11 17.74
N GLY A 267 15.59 3.96 16.64
CA GLY A 267 16.86 3.26 16.59
C GLY A 267 17.91 4.22 16.09
N LEU A 268 18.91 4.56 16.94
CA LEU A 268 19.98 5.52 16.62
C LEU A 268 21.38 4.89 16.45
N VAL A 269 22.16 5.38 15.45
CA VAL A 269 23.52 4.93 15.14
C VAL A 269 24.42 6.14 14.93
N HIS A 270 25.59 6.14 15.59
CA HIS A 270 26.59 7.18 15.40
C HIS A 270 27.51 6.70 14.30
N LEU A 271 27.62 7.50 13.23
CA LEU A 271 28.38 7.16 12.02
C LEU A 271 29.73 7.84 11.87
N LEU A 272 30.59 7.24 11.02
CA LEU A 272 31.93 7.73 10.71
C LEU A 272 32.15 7.81 9.20
N PRO A 273 32.31 9.03 8.64
CA PRO A 273 32.54 9.15 7.19
C PRO A 273 33.93 8.72 6.72
N GLY A 274 33.94 7.69 5.87
CA GLY A 274 35.14 7.10 5.31
C GLY A 274 35.45 5.71 5.82
N ILE A 275 34.79 5.30 6.93
CA ILE A 275 35.01 3.99 7.58
C ILE A 275 33.76 3.11 7.46
N SER A 276 32.63 3.54 8.08
CA SER A 276 31.37 2.81 8.15
C SER A 276 30.65 2.81 6.82
N THR A 277 30.37 1.61 6.26
CA THR A 277 29.68 1.45 4.97
C THR A 277 28.19 1.67 5.08
N LEU A 278 27.54 1.96 3.93
CA LEU A 278 26.10 2.21 3.81
C LEU A 278 25.25 1.05 4.35
N GLU A 279 25.52 -0.20 3.89
CA GLU A 279 24.75 -1.37 4.31
C GLU A 279 24.96 -1.70 5.79
N GLU A 280 26.17 -1.40 6.33
CA GLU A 280 26.48 -1.59 7.75
C GLU A 280 25.66 -0.56 8.56
N ALA A 281 25.62 0.71 8.09
CA ALA A 281 24.87 1.79 8.70
C ALA A 281 23.35 1.47 8.76
N LEU A 282 22.74 1.09 7.62
CA LEU A 282 21.32 0.75 7.51
C LEU A 282 20.92 -0.42 8.42
N ARG A 283 21.71 -1.51 8.43
CA ARG A 283 21.52 -2.72 9.24
C ARG A 283 21.65 -2.43 10.74
N SER A 284 22.57 -1.57 11.14
CA SER A 284 22.79 -1.19 12.53
C SER A 284 21.59 -0.41 13.11
N ALA A 285 21.04 0.56 12.31
CA ALA A 285 19.86 1.36 12.67
C ALA A 285 18.62 0.49 12.76
N ASP A 286 18.60 -0.62 11.99
CA ASP A 286 17.51 -1.59 11.94
C ASP A 286 17.44 -2.45 13.19
N MET A 287 18.60 -3.01 13.62
CA MET A 287 18.72 -3.83 14.83
C MET A 287 18.37 -2.99 16.06
N ALA A 288 18.84 -1.73 16.12
CA ALA A 288 18.56 -0.80 17.21
C ALA A 288 17.07 -0.42 17.24
N CYS A 289 16.45 -0.19 16.08
CA CYS A 289 15.02 0.12 16.02
C CYS A 289 14.22 -1.10 16.46
N TYR A 290 14.58 -2.30 15.94
CA TYR A 290 13.93 -3.55 16.30
C TYR A 290 14.07 -3.80 17.80
N MET A 291 15.26 -3.51 18.36
CA MET A 291 15.52 -3.71 19.77
C MET A 291 14.67 -2.82 20.65
N ALA A 292 14.43 -1.56 20.24
CA ALA A 292 13.56 -0.65 20.98
C ALA A 292 12.13 -1.20 21.00
N LYS A 293 11.73 -1.95 19.94
CA LYS A 293 10.40 -2.58 19.83
C LYS A 293 10.36 -3.78 20.76
N GLU A 294 11.30 -4.75 20.57
CA GLU A 294 11.51 -5.96 21.39
C GLU A 294 11.64 -5.60 22.88
N LYS A 295 12.12 -4.38 23.19
CA LYS A 295 12.28 -3.84 24.55
C LYS A 295 11.05 -3.06 25.06
N GLY A 296 9.89 -3.25 24.41
CA GLY A 296 8.65 -2.63 24.86
C GLY A 296 8.02 -1.44 24.17
N ARG A 297 8.60 -0.96 23.05
CA ARG A 297 8.11 0.21 22.27
C ARG A 297 8.15 1.54 23.06
N ASN A 298 7.98 2.69 22.37
CA ASN A 298 8.08 4.04 22.91
C ASN A 298 9.42 4.23 23.63
N ARG A 299 10.51 3.91 22.92
CA ARG A 299 11.88 3.94 23.44
C ARG A 299 12.89 4.29 22.34
N VAL A 300 14.02 4.91 22.75
CA VAL A 300 15.15 5.21 21.87
C VAL A 300 16.26 4.21 22.26
N GLN A 301 16.73 3.42 21.28
CA GLN A 301 17.79 2.43 21.46
C GLN A 301 19.01 2.83 20.66
N VAL A 302 20.04 3.33 21.35
CA VAL A 302 21.30 3.75 20.75
C VAL A 302 22.11 2.50 20.48
N PHE A 303 22.49 2.29 19.21
CA PHE A 303 23.26 1.13 18.80
C PHE A 303 24.68 1.20 19.36
N HIS A 304 25.10 0.09 19.98
CA HIS A 304 26.42 -0.13 20.54
C HIS A 304 26.87 -1.46 19.95
N GLN A 305 28.03 -1.48 19.27
CA GLN A 305 28.55 -2.63 18.54
C GLN A 305 28.57 -3.98 19.30
N ASP A 306 28.67 -3.97 20.65
CA ASP A 306 28.68 -5.20 21.44
C ASP A 306 27.41 -5.32 22.29
N ASP A 307 27.15 -4.29 23.13
CA ASP A 307 25.99 -4.16 24.04
C ASP A 307 24.64 -4.32 23.32
N VAL A 308 24.53 -3.74 22.10
CA VAL A 308 23.35 -3.77 21.24
C VAL A 308 23.73 -4.60 19.98
N GLU A 309 24.01 -5.89 20.21
CA GLU A 309 24.40 -6.92 19.24
C GLU A 309 24.33 -8.27 19.93
N LEU A 310 24.70 -8.33 21.23
CA LEU A 310 24.65 -9.50 22.09
C LEU A 310 23.20 -9.90 22.30
N SER A 311 22.29 -8.90 22.31
CA SER A 311 20.85 -9.07 22.45
C SER A 311 20.24 -9.67 21.17
N MET A 312 20.91 -9.49 20.01
CA MET A 312 20.49 -10.07 18.74
C MET A 312 20.82 -11.56 18.74
N ARG A 313 22.00 -11.96 19.31
CA ARG A 313 22.42 -13.36 19.43
C ARG A 313 21.55 -14.07 20.46
N PHE A 314 21.24 -13.37 21.58
CA PHE A 314 20.37 -13.85 22.66
C PHE A 314 18.95 -14.06 22.14
N GLY A 315 18.43 -13.07 21.41
CA GLY A 315 17.10 -13.08 20.82
C GLY A 315 16.90 -14.20 19.81
N GLU A 316 17.95 -14.54 19.07
CA GLU A 316 17.96 -15.63 18.10
C GLU A 316 17.84 -16.94 18.86
N MET A 317 18.65 -17.12 19.91
CA MET A 317 18.64 -18.30 20.78
C MET A 317 17.27 -18.47 21.42
N THR A 318 16.73 -17.42 22.05
CA THR A 318 15.40 -17.40 22.68
C THR A 318 14.29 -17.89 21.72
N TRP A 319 14.25 -17.32 20.50
CA TRP A 319 13.21 -17.63 19.52
C TRP A 319 13.35 -18.98 18.86
N VAL A 320 14.59 -19.44 18.59
CA VAL A 320 14.83 -20.79 18.06
C VAL A 320 14.15 -21.80 19.04
N GLN A 321 14.38 -21.63 20.36
CA GLN A 321 13.82 -22.44 21.44
C GLN A 321 12.28 -22.31 21.50
N ARG A 322 11.77 -21.08 21.45
CA ARG A 322 10.34 -20.80 21.52
C ARG A 322 9.58 -21.39 20.34
N ILE A 323 10.07 -21.22 19.10
CA ILE A 323 9.37 -21.73 17.91
C ILE A 323 9.45 -23.26 17.88
N HIS A 324 10.63 -23.83 18.15
CA HIS A 324 10.78 -25.28 18.18
C HIS A 324 9.99 -25.93 19.29
N LEU A 325 9.95 -25.35 20.51
CA LEU A 325 9.16 -25.92 21.61
C LEU A 325 7.71 -26.04 21.19
N ALA A 326 7.07 -24.91 20.78
CA ALA A 326 5.69 -24.82 20.30
C ALA A 326 5.36 -25.92 19.28
N LEU A 327 6.20 -26.07 18.24
CA LEU A 327 6.11 -27.09 17.19
C LEU A 327 6.12 -28.51 17.80
N GLU A 328 7.07 -28.75 18.72
CA GLU A 328 7.24 -30.02 19.42
C GLU A 328 6.07 -30.31 20.37
N GLU A 329 5.47 -29.24 20.95
CA GLU A 329 4.37 -29.30 21.92
C GLU A 329 2.95 -29.14 21.28
N ASP A 330 2.85 -29.15 19.94
CA ASP A 330 1.58 -29.10 19.19
C ASP A 330 0.68 -27.87 19.52
N ARG A 331 1.31 -26.76 19.94
CA ARG A 331 0.65 -25.51 20.29
C ARG A 331 0.34 -24.62 19.08
N PHE A 332 0.82 -24.98 17.89
CA PHE A 332 0.46 -24.23 16.70
C PHE A 332 -0.76 -24.89 16.15
N SER A 333 -1.74 -24.09 15.70
CA SER A 333 -2.97 -24.61 15.10
C SER A 333 -3.36 -23.79 13.91
N LEU A 334 -4.29 -24.32 13.12
CA LEU A 334 -4.76 -23.67 11.92
C LEU A 334 -6.22 -23.41 11.98
N TYR A 335 -6.57 -22.22 11.53
CA TYR A 335 -7.93 -21.75 11.43
C TYR A 335 -8.25 -21.54 9.95
N ALA A 336 -9.55 -21.60 9.60
CA ALA A 336 -10.02 -21.39 8.24
C ALA A 336 -11.14 -20.34 8.19
N GLN A 337 -10.97 -19.36 7.30
CA GLN A 337 -11.90 -18.27 7.05
C GLN A 337 -12.41 -18.39 5.60
N PRO A 338 -13.74 -18.40 5.36
CA PRO A 338 -14.22 -18.52 3.97
C PRO A 338 -14.01 -17.28 3.08
N ILE A 339 -13.91 -17.54 1.78
CA ILE A 339 -13.85 -16.57 0.69
C ILE A 339 -15.02 -17.01 -0.21
N VAL A 340 -15.91 -16.09 -0.57
CA VAL A 340 -17.11 -16.43 -1.36
C VAL A 340 -17.24 -15.61 -2.64
N PRO A 341 -17.81 -16.17 -3.74
CA PRO A 341 -18.00 -15.37 -4.95
C PRO A 341 -19.14 -14.35 -4.83
N LEU A 342 -18.88 -13.11 -5.28
CA LEU A 342 -19.87 -12.03 -5.30
C LEU A 342 -20.70 -12.09 -6.60
N GLY A 343 -20.15 -12.75 -7.62
CA GLY A 343 -20.77 -12.94 -8.92
C GLY A 343 -22.05 -13.75 -8.81
N GLU A 344 -23.13 -13.19 -9.39
CA GLU A 344 -24.48 -13.76 -9.40
C GLU A 344 -24.54 -14.90 -10.41
N GLY A 345 -24.68 -16.12 -9.91
CA GLY A 345 -24.70 -17.35 -10.69
C GLY A 345 -23.55 -18.29 -10.36
N ALA A 346 -22.45 -17.74 -9.81
CA ALA A 346 -21.25 -18.48 -9.41
C ALA A 346 -21.52 -19.30 -8.13
N GLU A 347 -21.21 -20.61 -8.19
CA GLU A 347 -21.35 -21.56 -7.08
C GLU A 347 -19.98 -21.97 -6.50
N GLU A 348 -19.14 -22.68 -7.32
CA GLU A 348 -17.79 -23.17 -7.02
C GLU A 348 -17.69 -24.09 -5.79
N GLY A 349 -16.48 -24.59 -5.54
CA GLY A 349 -16.19 -25.39 -4.36
C GLY A 349 -15.94 -24.44 -3.20
N LEU A 350 -15.83 -24.98 -1.98
CA LEU A 350 -15.59 -24.16 -0.80
C LEU A 350 -14.19 -23.54 -0.85
N HIS A 351 -14.12 -22.21 -0.67
CA HIS A 351 -12.87 -21.47 -0.64
C HIS A 351 -12.60 -21.01 0.79
N VAL A 352 -11.45 -21.38 1.32
CA VAL A 352 -11.05 -20.98 2.65
C VAL A 352 -9.64 -20.43 2.60
N GLU A 353 -9.35 -19.51 3.50
CA GLU A 353 -8.01 -18.97 3.70
C GLU A 353 -7.55 -19.50 5.06
N LEU A 354 -6.37 -20.11 5.10
CA LEU A 354 -5.81 -20.65 6.33
C LEU A 354 -5.03 -19.58 7.08
N LEU A 355 -5.19 -19.53 8.40
CA LEU A 355 -4.59 -18.56 9.29
C LEU A 355 -3.95 -19.31 10.45
N LEU A 356 -2.73 -18.93 10.81
CA LEU A 356 -1.99 -19.55 11.90
C LEU A 356 -2.35 -18.93 13.25
N ARG A 357 -2.34 -19.76 14.28
CA ARG A 357 -2.60 -19.37 15.65
C ARG A 357 -1.62 -20.14 16.50
N LEU A 358 -1.11 -19.50 17.56
CA LEU A 358 -0.19 -20.08 18.54
C LEU A 358 -0.77 -19.92 19.93
N ARG A 359 -0.80 -21.00 20.70
CA ARG A 359 -1.21 -20.96 22.10
C ARG A 359 0.05 -21.06 23.01
N ASP A 360 0.12 -20.24 24.06
CA ASP A 360 1.24 -20.31 25.01
C ASP A 360 1.13 -21.57 25.91
N GLU A 361 2.05 -21.67 26.90
CA GLU A 361 2.16 -22.79 27.84
C GLU A 361 0.91 -22.95 28.78
N GLY A 362 0.17 -21.86 28.98
CA GLY A 362 -1.04 -21.85 29.78
C GLY A 362 -2.22 -22.35 28.95
N GLY A 363 -2.20 -22.07 27.66
CA GLY A 363 -3.23 -22.50 26.73
C GLY A 363 -4.03 -21.38 26.11
N ARG A 364 -3.52 -20.14 26.19
CA ARG A 364 -4.24 -19.01 25.64
C ARG A 364 -3.54 -18.39 24.42
N LEU A 365 -4.33 -18.03 23.39
CA LEU A 365 -3.90 -17.47 22.09
C LEU A 365 -2.89 -16.34 22.21
N VAL A 366 -1.83 -16.43 21.42
CA VAL A 366 -0.73 -15.47 21.40
C VAL A 366 -0.95 -14.52 20.22
N PRO A 367 -1.02 -13.19 20.47
CA PRO A 367 -1.22 -12.23 19.36
C PRO A 367 -0.18 -12.37 18.22
N PRO A 368 -0.54 -12.05 16.95
CA PRO A 368 0.40 -12.22 15.84
C PRO A 368 1.70 -11.41 15.92
N LEU A 369 1.63 -10.19 16.46
CA LEU A 369 2.80 -9.32 16.58
C LEU A 369 3.75 -9.80 17.70
N SER A 370 3.29 -10.76 18.52
CA SER A 370 4.09 -11.28 19.62
C SER A 370 5.07 -12.38 19.20
N PHE A 371 5.04 -12.83 17.90
CA PHE A 371 5.96 -13.89 17.48
C PHE A 371 6.33 -13.87 15.97
N ILE A 372 5.46 -13.35 15.09
CA ILE A 372 5.75 -13.30 13.64
C ILE A 372 6.91 -12.30 13.35
N PRO A 373 6.95 -11.06 13.96
CA PRO A 373 8.11 -10.17 13.74
C PRO A 373 9.44 -10.81 14.16
N ALA A 374 9.44 -11.56 15.29
CA ALA A 374 10.63 -12.23 15.82
C ALA A 374 11.02 -13.43 14.97
N ALA A 375 10.02 -14.29 14.61
CA ALA A 375 10.25 -15.45 13.76
C ALA A 375 10.77 -15.01 12.39
N GLU A 376 10.26 -13.87 11.83
CA GLU A 376 10.69 -13.28 10.55
C GLU A 376 12.12 -12.72 10.63
N ARG A 377 12.44 -12.00 11.71
CA ARG A 377 13.75 -11.41 12.00
C ARG A 377 14.85 -12.45 12.09
N TYR A 378 14.56 -13.57 12.80
CA TYR A 378 15.50 -14.65 13.09
C TYR A 378 15.41 -15.86 12.16
N GLY A 379 14.80 -15.69 10.99
CA GLY A 379 14.75 -16.74 9.97
C GLY A 379 14.04 -18.02 10.31
N LEU A 380 13.01 -17.92 11.16
CA LEU A 380 12.22 -19.06 11.61
C LEU A 380 10.92 -19.25 10.83
N MET A 381 10.76 -18.51 9.73
CA MET A 381 9.54 -18.53 8.93
C MET A 381 9.42 -19.75 8.02
N THR A 382 10.54 -20.30 7.54
CA THR A 382 10.53 -21.51 6.70
C THR A 382 9.94 -22.67 7.50
N LEU A 383 10.32 -22.77 8.78
CA LEU A 383 9.87 -23.76 9.74
C LEU A 383 8.37 -23.78 9.83
N ILE A 384 7.80 -22.62 10.18
CA ILE A 384 6.38 -22.38 10.36
C ILE A 384 5.62 -22.63 9.04
N ASP A 385 6.15 -22.13 7.90
CA ASP A 385 5.51 -22.35 6.59
C ASP A 385 5.46 -23.83 6.24
N ARG A 386 6.51 -24.60 6.60
CA ARG A 386 6.59 -26.03 6.35
C ARG A 386 5.62 -26.77 7.26
N TRP A 387 5.45 -26.30 8.53
CA TRP A 387 4.47 -26.87 9.45
C TRP A 387 3.05 -26.55 8.93
N VAL A 388 2.75 -25.29 8.58
CA VAL A 388 1.45 -24.84 8.07
C VAL A 388 1.01 -25.69 6.87
N VAL A 389 1.85 -25.76 5.81
CA VAL A 389 1.57 -26.50 4.58
C VAL A 389 1.37 -27.99 4.90
N GLU A 390 2.30 -28.63 5.68
CA GLU A 390 2.12 -30.04 6.05
C GLU A 390 0.81 -30.30 6.80
N ASN A 391 0.53 -29.51 7.84
CA ASN A 391 -0.68 -29.70 8.65
C ASN A 391 -1.97 -29.29 7.91
N ALA A 392 -1.89 -28.48 6.82
CA ALA A 392 -3.06 -28.09 6.02
C ALA A 392 -3.49 -29.29 5.19
N PHE A 393 -2.52 -29.95 4.51
CA PHE A 393 -2.71 -31.15 3.68
C PHE A 393 -3.18 -32.32 4.54
N ARG A 394 -2.51 -32.53 5.70
CA ARG A 394 -2.86 -33.53 6.72
C ARG A 394 -4.34 -33.36 7.14
N THR A 395 -4.77 -32.12 7.49
CA THR A 395 -6.16 -31.81 7.87
C THR A 395 -7.14 -32.13 6.73
N LEU A 396 -6.80 -31.74 5.49
CA LEU A 396 -7.62 -31.98 4.30
C LEU A 396 -7.90 -33.46 4.09
N VAL A 397 -6.95 -34.37 4.44
CA VAL A 397 -7.11 -35.84 4.36
C VAL A 397 -8.08 -36.29 5.47
N GLU A 398 -7.86 -35.84 6.72
CA GLU A 398 -8.70 -36.14 7.89
C GLU A 398 -10.16 -35.70 7.62
N ARG A 399 -10.33 -34.48 7.09
CA ARG A 399 -11.61 -33.88 6.75
C ARG A 399 -12.34 -34.68 5.66
N ALA A 400 -11.57 -35.27 4.72
CA ALA A 400 -12.10 -36.07 3.61
C ALA A 400 -12.65 -37.45 4.00
N GLN A 401 -12.31 -37.94 5.21
CA GLN A 401 -12.79 -39.22 5.75
C GLN A 401 -14.31 -39.22 5.86
N ASP A 402 -14.91 -38.02 6.06
CA ASP A 402 -16.36 -37.85 6.10
C ASP A 402 -16.87 -37.59 4.68
N PRO A 403 -17.77 -38.46 4.12
CA PRO A 403 -18.28 -38.22 2.75
C PRO A 403 -19.20 -37.00 2.66
N ARG A 404 -19.99 -36.75 3.74
CA ARG A 404 -20.94 -35.64 3.90
C ARG A 404 -20.25 -34.27 3.86
N ALA A 405 -18.95 -34.22 4.25
CA ALA A 405 -18.10 -33.02 4.37
C ALA A 405 -18.15 -32.11 3.18
N GLU A 406 -18.17 -30.80 3.45
CA GLU A 406 -18.15 -29.71 2.46
C GLU A 406 -16.77 -29.77 1.74
N PRO A 407 -16.70 -30.24 0.47
CA PRO A 407 -15.40 -30.37 -0.18
C PRO A 407 -14.75 -29.00 -0.45
N ILE A 408 -13.45 -28.89 -0.16
CA ILE A 408 -12.72 -27.63 -0.34
C ILE A 408 -12.12 -27.56 -1.73
N GLY A 409 -12.62 -26.61 -2.51
CA GLY A 409 -12.17 -26.35 -3.86
C GLY A 409 -10.95 -25.46 -3.91
N THR A 410 -10.75 -24.60 -2.88
CA THR A 410 -9.61 -23.68 -2.75
C THR A 410 -9.22 -23.50 -1.28
N CYS A 411 -7.96 -23.74 -0.99
CA CYS A 411 -7.41 -23.65 0.34
C CYS A 411 -6.17 -22.76 0.20
N ALA A 412 -6.31 -21.49 0.59
CA ALA A 412 -5.26 -20.49 0.45
C ALA A 412 -4.27 -20.45 1.63
N ILE A 413 -2.98 -20.56 1.33
CA ILE A 413 -1.91 -20.57 2.34
C ILE A 413 -0.92 -19.43 2.09
N ASN A 414 -0.64 -18.64 3.11
CA ASN A 414 0.32 -17.54 3.02
C ASN A 414 1.76 -18.03 3.27
N LEU A 415 2.70 -17.71 2.34
CA LEU A 415 4.12 -18.06 2.43
C LEU A 415 4.97 -16.79 2.64
N SER A 416 6.01 -16.90 3.46
CA SER A 416 6.94 -15.81 3.78
C SER A 416 8.01 -15.64 2.71
N GLY A 417 8.79 -14.54 2.80
CA GLY A 417 9.90 -14.24 1.91
C GLY A 417 11.00 -15.27 1.99
N ALA A 418 11.21 -15.84 3.19
CA ALA A 418 12.17 -16.92 3.44
C ALA A 418 11.80 -18.16 2.66
N THR A 419 10.49 -18.40 2.43
CA THR A 419 10.01 -19.54 1.66
C THR A 419 10.12 -19.24 0.16
N ILE A 420 9.68 -18.04 -0.30
CA ILE A 420 9.73 -17.63 -1.71
C ILE A 420 11.17 -17.82 -2.26
N GLY A 421 12.18 -17.56 -1.42
CA GLY A 421 13.58 -17.70 -1.79
C GLY A 421 14.17 -19.07 -1.55
N ASP A 422 13.46 -19.95 -0.79
CA ASP A 422 13.88 -21.30 -0.42
C ASP A 422 13.89 -22.27 -1.61
N GLU A 423 15.10 -22.69 -2.01
CA GLU A 423 15.39 -23.63 -3.13
C GLU A 423 14.85 -25.04 -2.86
N SER A 424 14.81 -25.46 -1.59
CA SER A 424 14.35 -26.79 -1.17
C SER A 424 12.85 -26.93 -0.95
N PHE A 425 12.08 -25.82 -1.04
CA PHE A 425 10.63 -25.83 -0.82
C PHE A 425 9.87 -26.66 -1.84
N LEU A 426 10.26 -26.60 -3.11
CA LEU A 426 9.53 -27.31 -4.16
C LEU A 426 9.64 -28.82 -3.98
N GLN A 427 10.83 -29.35 -3.59
CA GLN A 427 11.00 -30.80 -3.37
C GLN A 427 10.13 -31.23 -2.18
N PHE A 428 10.08 -30.39 -1.13
CA PHE A 428 9.28 -30.59 0.09
C PHE A 428 7.80 -30.57 -0.27
N LEU A 429 7.38 -29.63 -1.12
CA LEU A 429 5.99 -29.55 -1.57
C LEU A 429 5.65 -30.77 -2.41
N THR A 430 6.56 -31.16 -3.31
CA THR A 430 6.43 -32.36 -4.16
C THR A 430 6.23 -33.60 -3.26
N GLU A 431 7.07 -33.74 -2.20
CA GLU A 431 7.00 -34.83 -1.23
C GLU A 431 5.65 -34.82 -0.52
N LEU A 432 5.21 -33.65 -0.03
CA LEU A 432 3.92 -33.46 0.63
C LEU A 432 2.75 -33.89 -0.25
N PHE A 433 2.78 -33.49 -1.55
CA PHE A 433 1.77 -33.87 -2.56
C PHE A 433 1.68 -35.38 -2.70
N ALA A 434 2.82 -36.08 -2.77
CA ALA A 434 2.87 -37.53 -2.90
C ALA A 434 2.35 -38.24 -1.66
N ARG A 435 2.58 -37.66 -0.47
CA ARG A 435 2.19 -38.22 0.82
C ARG A 435 0.70 -38.03 1.16
N TYR A 436 0.13 -36.81 0.95
CA TYR A 436 -1.27 -36.50 1.26
C TYR A 436 -2.22 -36.48 0.05
N ARG A 437 -1.69 -36.67 -1.17
CA ARG A 437 -2.46 -36.75 -2.41
C ARG A 437 -3.48 -35.61 -2.57
N ILE A 438 -3.13 -34.41 -2.09
CA ILE A 438 -3.98 -33.25 -2.25
C ILE A 438 -3.76 -32.72 -3.66
N PRO A 439 -4.83 -32.54 -4.49
CA PRO A 439 -4.62 -32.01 -5.85
C PRO A 439 -3.95 -30.62 -5.81
N PRO A 440 -2.86 -30.37 -6.57
CA PRO A 440 -2.23 -29.04 -6.53
C PRO A 440 -3.18 -27.87 -6.80
N GLN A 441 -4.13 -28.10 -7.72
CA GLN A 441 -5.14 -27.15 -8.18
C GLN A 441 -5.95 -26.58 -7.01
N THR A 442 -6.16 -27.39 -5.95
CA THR A 442 -6.92 -27.11 -4.72
C THR A 442 -6.22 -26.08 -3.83
N ILE A 443 -4.88 -25.95 -3.98
CA ILE A 443 -4.03 -25.08 -3.17
C ILE A 443 -3.78 -23.73 -3.87
N CYS A 444 -3.92 -22.64 -3.09
CA CYS A 444 -3.63 -21.28 -3.55
C CYS A 444 -2.58 -20.60 -2.66
N PHE A 445 -1.33 -20.54 -3.11
CA PHE A 445 -0.30 -19.90 -2.31
C PHE A 445 -0.42 -18.36 -2.34
N GLU A 446 -0.12 -17.71 -1.21
CA GLU A 446 -0.26 -16.27 -1.06
C GLU A 446 1.04 -15.64 -0.67
N VAL A 447 1.32 -14.50 -1.31
CA VAL A 447 2.49 -13.68 -1.03
C VAL A 447 2.06 -12.23 -1.02
N THR A 448 2.61 -11.40 -0.12
CA THR A 448 2.22 -9.98 -0.11
C THR A 448 2.96 -9.25 -1.23
N GLU A 449 2.39 -8.14 -1.71
CA GLU A 449 3.02 -7.27 -2.70
C GLU A 449 4.45 -6.91 -2.20
N THR A 450 4.56 -6.60 -0.90
CA THR A 450 5.78 -6.25 -0.19
C THR A 450 6.83 -7.37 -0.31
N VAL A 451 6.48 -8.60 0.10
CA VAL A 451 7.37 -9.77 0.02
C VAL A 451 7.82 -10.06 -1.44
N ALA A 452 6.89 -9.98 -2.43
CA ALA A 452 7.21 -10.22 -3.84
C ALA A 452 8.27 -9.25 -4.37
N VAL A 453 8.07 -7.93 -4.18
CA VAL A 453 8.98 -6.89 -4.64
C VAL A 453 10.31 -6.95 -3.92
N ALA A 454 10.31 -7.24 -2.60
CA ALA A 454 11.53 -7.36 -1.79
C ALA A 454 12.50 -8.44 -2.29
N ASN A 455 11.96 -9.45 -2.99
CA ASN A 455 12.66 -10.62 -3.56
C ASN A 455 12.09 -10.83 -4.98
N LEU A 456 12.11 -9.79 -5.83
CA LEU A 456 11.45 -9.81 -7.14
C LEU A 456 11.88 -10.95 -8.08
N ALA A 457 13.17 -11.12 -8.38
CA ALA A 457 13.54 -12.22 -9.29
C ALA A 457 13.15 -13.61 -8.76
N SER A 458 13.29 -13.84 -7.43
CA SER A 458 12.91 -15.11 -6.78
C SER A 458 11.41 -15.31 -6.78
N ALA A 459 10.61 -14.24 -6.56
CA ALA A 459 9.15 -14.35 -6.55
C ALA A 459 8.65 -14.82 -7.90
N ILE A 460 9.11 -14.18 -8.96
CA ILE A 460 8.74 -14.56 -10.32
C ILE A 460 9.10 -16.04 -10.56
N ARG A 461 10.36 -16.44 -10.28
CA ARG A 461 10.84 -17.81 -10.43
C ARG A 461 9.95 -18.80 -9.64
N PHE A 462 9.65 -18.50 -8.35
CA PHE A 462 8.81 -19.26 -7.43
C PHE A 462 7.35 -19.42 -7.92
N ILE A 463 6.69 -18.32 -8.28
CA ILE A 463 5.30 -18.31 -8.77
C ILE A 463 5.15 -19.19 -10.03
N ASN A 464 6.06 -19.06 -11.00
CA ASN A 464 6.03 -19.87 -12.22
C ASN A 464 6.27 -21.36 -11.98
N GLU A 465 7.24 -21.74 -11.11
CA GLU A 465 7.55 -23.14 -10.78
C GLU A 465 6.33 -23.81 -10.18
N LEU A 466 5.65 -23.08 -9.27
CA LEU A 466 4.48 -23.55 -8.53
C LEU A 466 3.26 -23.64 -9.44
N LYS A 467 3.09 -22.67 -10.35
CA LYS A 467 2.00 -22.68 -11.30
C LYS A 467 2.12 -23.88 -12.23
N ASP A 468 3.37 -24.28 -12.58
CA ASP A 468 3.63 -25.46 -13.43
C ASP A 468 3.22 -26.75 -12.72
N THR A 469 3.38 -26.79 -11.39
CA THR A 469 2.96 -27.90 -10.53
C THR A 469 1.41 -27.99 -10.55
N GLY A 470 0.76 -26.88 -10.83
CA GLY A 470 -0.70 -26.82 -10.95
C GLY A 470 -1.38 -26.03 -9.87
N CYS A 471 -0.60 -25.38 -9.01
CA CYS A 471 -1.04 -24.55 -7.91
C CYS A 471 -1.51 -23.19 -8.41
N ARG A 472 -2.37 -22.54 -7.61
CA ARG A 472 -2.79 -21.19 -7.89
C ARG A 472 -1.95 -20.28 -7.01
N PHE A 473 -1.94 -18.98 -7.32
CA PHE A 473 -1.21 -17.97 -6.56
C PHE A 473 -2.02 -16.72 -6.40
N SER A 474 -1.88 -16.04 -5.26
CA SER A 474 -2.57 -14.79 -4.95
C SER A 474 -1.57 -13.73 -4.48
N LEU A 475 -1.79 -12.47 -4.88
CA LEU A 475 -0.96 -11.35 -4.43
C LEU A 475 -1.78 -10.53 -3.40
N ASP A 476 -1.32 -10.59 -2.12
CA ASP A 476 -1.91 -10.00 -0.92
C ASP A 476 -1.49 -8.58 -0.66
N ASP A 477 -2.34 -7.83 0.09
CA ASP A 477 -2.13 -6.45 0.54
C ASP A 477 -1.74 -5.54 -0.62
N PHE A 478 -2.48 -5.71 -1.74
CA PHE A 478 -2.26 -5.02 -2.99
C PHE A 478 -2.73 -3.57 -2.96
N CYS A 479 -1.79 -2.63 -3.26
CA CYS A 479 -1.98 -1.19 -3.40
C CYS A 479 -2.02 -0.94 -4.90
N ALA A 480 -2.60 0.20 -5.32
CA ALA A 480 -2.63 0.60 -6.74
C ALA A 480 -1.68 1.77 -6.98
N GLY A 481 -1.04 1.72 -8.13
CA GLY A 481 -0.06 2.70 -8.60
C GLY A 481 0.55 2.18 -9.88
N MET A 482 1.29 3.03 -10.60
CA MET A 482 1.91 2.58 -11.84
C MET A 482 3.01 1.57 -11.54
N SER A 483 3.64 1.68 -10.34
CA SER A 483 4.69 0.77 -9.89
C SER A 483 4.11 -0.63 -9.64
N SER A 484 3.09 -0.74 -8.75
CA SER A 484 2.40 -1.99 -8.37
C SER A 484 1.76 -2.68 -9.55
N PHE A 485 1.22 -1.90 -10.51
CA PHE A 485 0.62 -2.47 -11.70
C PHE A 485 1.69 -2.94 -12.69
N ILE A 486 2.90 -2.32 -12.65
CA ILE A 486 4.05 -2.72 -13.50
C ILE A 486 4.65 -4.03 -12.94
N TYR A 487 4.78 -4.12 -11.59
CA TYR A 487 5.25 -5.31 -10.88
C TYR A 487 4.30 -6.47 -11.17
N LEU A 488 2.98 -6.18 -11.29
CA LEU A 488 1.94 -7.15 -11.60
C LEU A 488 2.08 -7.80 -12.99
N LYS A 489 2.71 -7.10 -13.95
CA LYS A 489 2.92 -7.65 -15.29
C LYS A 489 3.84 -8.85 -15.20
N HIS A 490 4.83 -8.78 -14.30
CA HIS A 490 5.88 -9.78 -14.11
C HIS A 490 5.51 -10.93 -13.15
N LEU A 491 4.49 -10.70 -12.29
CA LEU A 491 4.05 -11.65 -11.28
C LEU A 491 2.79 -12.40 -11.73
N PRO A 492 2.96 -13.62 -12.31
CA PRO A 492 1.79 -14.38 -12.81
C PRO A 492 0.89 -15.04 -11.76
N VAL A 493 0.20 -14.21 -10.98
CA VAL A 493 -0.73 -14.66 -9.94
C VAL A 493 -2.13 -14.83 -10.54
N ASP A 494 -2.99 -15.63 -9.91
CA ASP A 494 -4.35 -15.86 -10.39
C ASP A 494 -5.30 -14.84 -9.80
N TYR A 495 -5.14 -14.60 -8.49
CA TYR A 495 -5.97 -13.65 -7.73
C TYR A 495 -5.17 -12.44 -7.30
N LEU A 496 -5.88 -11.35 -7.03
CA LEU A 496 -5.38 -10.10 -6.53
C LEU A 496 -6.24 -9.77 -5.31
N LYS A 497 -5.62 -9.55 -4.15
CA LYS A 497 -6.36 -9.26 -2.93
C LYS A 497 -6.19 -7.82 -2.45
N ILE A 498 -7.28 -7.03 -2.56
CA ILE A 498 -7.31 -5.62 -2.11
C ILE A 498 -6.99 -5.58 -0.62
N ASP A 499 -6.06 -4.71 -0.21
CA ASP A 499 -5.69 -4.50 1.18
C ASP A 499 -6.96 -4.08 1.93
N GLY A 500 -7.23 -4.72 3.06
CA GLY A 500 -8.39 -4.44 3.87
C GLY A 500 -8.57 -3.00 4.28
N SER A 501 -7.46 -2.29 4.57
CA SER A 501 -7.50 -0.87 4.96
C SER A 501 -8.26 0.00 3.95
N PHE A 502 -8.26 -0.38 2.65
CA PHE A 502 -8.99 0.34 1.61
C PHE A 502 -10.48 0.01 1.70
N VAL A 503 -10.80 -1.24 2.04
CA VAL A 503 -12.18 -1.70 2.16
C VAL A 503 -12.83 -1.12 3.43
N LYS A 504 -12.11 -1.05 4.57
CA LYS A 504 -12.62 -0.55 5.87
C LYS A 504 -13.44 0.77 5.82
N ASP A 505 -12.98 1.78 5.07
CA ASP A 505 -13.69 3.05 4.98
C ASP A 505 -14.09 3.43 3.55
N MET A 506 -14.30 2.43 2.70
CA MET A 506 -14.73 2.51 1.30
C MET A 506 -15.96 3.38 1.16
N LEU A 507 -16.97 3.11 2.02
CA LEU A 507 -18.26 3.77 2.06
C LEU A 507 -18.27 5.14 2.76
N GLU A 508 -17.14 5.50 3.42
CA GLU A 508 -16.95 6.78 4.13
C GLU A 508 -15.91 7.73 3.48
N ASP A 509 -14.95 7.18 2.73
CA ASP A 509 -13.90 7.94 2.08
C ASP A 509 -13.94 7.77 0.58
N PRO A 510 -14.15 8.88 -0.18
CA PRO A 510 -14.18 8.79 -1.66
C PRO A 510 -12.91 8.31 -2.34
N ILE A 511 -11.70 8.53 -1.75
CA ILE A 511 -10.45 8.08 -2.39
C ILE A 511 -10.25 6.55 -2.19
N ASP A 512 -10.58 6.03 -0.99
CA ASP A 512 -10.49 4.59 -0.71
C ASP A 512 -11.50 3.80 -1.58
N ARG A 513 -12.71 4.37 -1.86
CA ARG A 513 -13.72 3.76 -2.73
C ARG A 513 -13.13 3.69 -4.11
N ALA A 514 -12.50 4.79 -4.56
CA ALA A 514 -11.87 4.92 -5.88
C ALA A 514 -10.71 3.94 -6.05
N MET A 515 -9.91 3.74 -4.98
CA MET A 515 -8.79 2.82 -4.93
C MET A 515 -9.24 1.39 -5.20
N VAL A 516 -10.31 0.95 -4.50
CA VAL A 516 -10.97 -0.34 -4.63
C VAL A 516 -11.37 -0.57 -6.08
N GLN A 517 -12.01 0.46 -6.70
CA GLN A 517 -12.49 0.47 -8.10
C GLN A 517 -11.35 0.32 -9.06
N VAL A 518 -10.25 1.11 -8.89
CA VAL A 518 -9.06 1.02 -9.75
C VAL A 518 -8.35 -0.35 -9.59
N ILE A 519 -8.10 -0.84 -8.32
CA ILE A 519 -7.48 -2.17 -8.04
C ILE A 519 -8.27 -3.25 -8.79
N ASN A 520 -9.60 -3.09 -8.81
CA ASN A 520 -10.50 -4.02 -9.46
C ASN A 520 -10.38 -4.00 -10.99
N HIS A 521 -10.56 -2.82 -11.61
CA HIS A 521 -10.51 -2.62 -13.05
C HIS A 521 -9.21 -3.07 -13.67
N ILE A 522 -8.06 -2.54 -13.16
CA ILE A 522 -6.73 -2.88 -13.66
C ILE A 522 -6.35 -4.34 -13.32
N GLY A 523 -6.88 -4.87 -12.22
CA GLY A 523 -6.71 -6.26 -11.84
C GLY A 523 -7.44 -7.16 -12.82
N HIS A 524 -8.63 -6.72 -13.27
CA HIS A 524 -9.40 -7.46 -14.28
C HIS A 524 -8.76 -7.34 -15.64
N VAL A 525 -8.18 -6.15 -15.93
CA VAL A 525 -7.49 -5.84 -17.18
C VAL A 525 -6.31 -6.82 -17.34
N MET A 526 -5.56 -7.01 -16.24
CA MET A 526 -4.37 -7.85 -16.24
C MET A 526 -4.67 -9.34 -16.06
N GLY A 527 -5.90 -9.74 -16.34
CA GLY A 527 -6.32 -11.14 -16.28
C GLY A 527 -6.45 -11.76 -14.89
N LYS A 528 -6.40 -10.94 -13.84
CA LYS A 528 -6.53 -11.41 -12.46
C LYS A 528 -7.99 -11.38 -11.95
N ARG A 529 -8.33 -12.30 -11.03
CA ARG A 529 -9.62 -12.36 -10.34
C ARG A 529 -9.40 -11.59 -8.99
N THR A 530 -10.29 -10.66 -8.65
CA THR A 530 -10.14 -9.80 -7.46
C THR A 530 -10.83 -10.34 -6.20
N ILE A 531 -10.22 -10.10 -5.04
CA ILE A 531 -10.73 -10.49 -3.73
C ILE A 531 -10.67 -9.27 -2.83
N ALA A 532 -11.73 -9.01 -2.06
CA ALA A 532 -11.76 -7.92 -1.09
C ALA A 532 -11.74 -8.52 0.31
N GLU A 533 -10.84 -8.05 1.17
CA GLU A 533 -10.83 -8.51 2.56
C GLU A 533 -11.46 -7.43 3.45
N PHE A 534 -11.70 -7.73 4.75
CA PHE A 534 -12.30 -6.81 5.74
C PHE A 534 -13.73 -6.37 5.36
N VAL A 535 -14.48 -7.22 4.65
CA VAL A 535 -15.89 -6.96 4.29
C VAL A 535 -16.66 -7.33 5.58
N GLU A 536 -16.72 -6.38 6.54
CA GLU A 536 -17.33 -6.61 7.85
C GLU A 536 -18.83 -6.47 7.86
N THR A 537 -19.44 -5.77 6.86
CA THR A 537 -20.90 -5.57 6.70
C THR A 537 -21.39 -5.89 5.27
N VAL A 538 -22.68 -6.20 5.13
CA VAL A 538 -23.35 -6.49 3.84
C VAL A 538 -23.42 -5.20 2.96
N GLU A 539 -23.36 -4.02 3.61
CA GLU A 539 -23.35 -2.74 2.88
C GLU A 539 -22.05 -2.65 2.09
N VAL A 540 -20.93 -3.04 2.72
CA VAL A 540 -19.62 -3.11 2.06
C VAL A 540 -19.67 -4.20 0.96
N MET A 541 -20.30 -5.37 1.25
CA MET A 541 -20.43 -6.50 0.32
C MET A 541 -21.18 -6.12 -0.94
N GLU A 542 -22.30 -5.38 -0.79
CA GLU A 542 -23.13 -4.94 -1.92
C GLU A 542 -22.44 -3.88 -2.75
N ALA A 543 -21.64 -2.99 -2.10
CA ALA A 543 -20.85 -1.95 -2.73
C ALA A 543 -19.81 -2.63 -3.65
N LEU A 544 -19.04 -3.59 -3.09
CA LEU A 544 -18.05 -4.37 -3.82
C LEU A 544 -18.67 -5.14 -4.99
N ARG A 545 -19.89 -5.69 -4.82
CA ARG A 545 -20.61 -6.45 -5.85
C ARG A 545 -20.95 -5.55 -7.03
N GLU A 546 -21.52 -4.34 -6.74
CA GLU A 546 -21.86 -3.32 -7.73
C GLU A 546 -20.59 -2.92 -8.53
N ILE A 547 -19.46 -2.66 -7.83
CA ILE A 547 -18.16 -2.34 -8.43
C ILE A 547 -17.72 -3.47 -9.42
N GLY A 548 -17.81 -4.72 -8.97
CA GLY A 548 -17.47 -5.86 -9.81
C GLY A 548 -16.57 -6.91 -9.19
N ILE A 549 -16.13 -6.69 -7.94
CA ILE A 549 -15.23 -7.60 -7.17
C ILE A 549 -15.69 -9.06 -7.24
N ASP A 550 -14.76 -9.99 -7.53
CA ASP A 550 -15.12 -11.40 -7.66
C ASP A 550 -15.36 -12.09 -6.36
N TYR A 551 -14.53 -11.81 -5.33
CA TYR A 551 -14.67 -12.48 -4.06
C TYR A 551 -14.65 -11.57 -2.85
N ALA A 552 -15.38 -11.98 -1.82
CA ALA A 552 -15.42 -11.24 -0.57
C ALA A 552 -15.02 -12.12 0.62
N GLN A 553 -14.31 -11.51 1.55
CA GLN A 553 -13.86 -12.12 2.78
C GLN A 553 -14.02 -11.09 3.91
N GLY A 554 -14.52 -11.55 5.05
CA GLY A 554 -14.70 -10.71 6.22
C GLY A 554 -15.76 -11.24 7.17
N LEU A 555 -16.05 -10.48 8.23
CA LEU A 555 -17.00 -10.91 9.24
C LEU A 555 -18.48 -10.93 8.78
N ALA A 556 -18.78 -10.41 7.56
CA ALA A 556 -20.11 -10.47 6.96
C ALA A 556 -20.26 -11.77 6.17
N ILE A 557 -19.11 -12.40 5.83
CA ILE A 557 -19.02 -13.64 5.05
C ILE A 557 -18.93 -14.86 5.98
N GLY A 558 -17.98 -14.80 6.90
CA GLY A 558 -17.69 -15.86 7.85
C GLY A 558 -16.45 -15.53 8.63
N ALA A 559 -16.45 -15.89 9.91
CA ALA A 559 -15.37 -15.64 10.86
C ALA A 559 -14.36 -16.78 10.81
N PRO A 560 -13.08 -16.55 11.23
CA PRO A 560 -12.11 -17.66 11.25
C PRO A 560 -12.57 -18.73 12.23
N LEU A 561 -12.74 -19.97 11.76
CA LEU A 561 -13.17 -21.13 12.57
C LEU A 561 -12.04 -22.17 12.64
N PRO A 562 -11.94 -22.98 13.70
CA PRO A 562 -10.89 -24.02 13.72
C PRO A 562 -10.89 -24.91 12.47
N PHE A 563 -9.72 -25.17 11.92
CA PHE A 563 -9.54 -26.03 10.76
C PHE A 563 -8.87 -27.30 11.25
N SER A 564 -7.63 -27.17 11.75
CA SER A 564 -6.84 -28.28 12.25
C SER A 564 -7.37 -28.79 13.60
N ARG A 565 -7.10 -30.08 13.91
CA ARG A 565 -7.52 -30.78 15.12
C ARG A 565 -6.64 -30.40 16.32
#